data_2VLD
#
_entry.id   2VLD
#
_cell.length_a   78.966
_cell.length_b   100.688
_cell.length_c   157.686
_cell.angle_alpha   90.00
_cell.angle_beta   90.00
_cell.angle_gamma   90.00
#
_symmetry.space_group_name_H-M   'C 2 2 21'
#
loop_
_entity.id
_entity.type
_entity.pdbx_description
1 polymer 'Endonuclease NucS'
2 water water
#
_entity_poly.entity_id   1
_entity_poly.type   'polypeptide(L)'
_entity_poly.pdbx_seq_one_letter_code
;(MSE)RKVIIKENPSEEEIKELLDLAEKHGGVVTIFARCKVHYEGRAKSELGEGDRIIIIKPDGSFLIHQNKKREPVNWQ
PPGSKVTFKENS(MSE)ISIRRRPYERLEVEIIEPYSLVVFLAEDYEELALTGSEAE(MSE)ANLIFENPRVIEEGFKPI
YREKPIRHGIVDV(MSE)GVDKDGNIVVLELKRRKADLHAVSQ(MSE)KRYVDSLKEEYGENVRGILVAPSLTEGAKKLL
EKEGLEFRKLEPPKKGNEKRSKQKTLDFFTP
;
_entity_poly.pdbx_strand_id   A,B
#
# COMPACT_ATOMS: atom_id res chain seq x y z
N MSE A 1 12.37 0.33 -22.82
CA MSE A 1 12.14 1.01 -21.52
C MSE A 1 11.21 2.23 -21.64
O MSE A 1 11.69 3.34 -21.96
CB MSE A 1 13.46 1.44 -20.87
CG MSE A 1 13.34 2.29 -19.58
SE MSE A 1 14.96 3.28 -18.99
CE MSE A 1 15.39 4.26 -20.65
N ARG A 2 9.92 2.05 -21.39
CA ARG A 2 9.07 3.21 -21.14
C ARG A 2 8.84 3.38 -19.63
N LYS A 3 7.58 3.40 -19.18
CA LYS A 3 7.33 3.66 -17.76
C LYS A 3 7.23 2.43 -16.88
N VAL A 4 7.03 1.27 -17.50
CA VAL A 4 6.97 0.01 -16.77
C VAL A 4 8.01 -0.97 -17.31
N ILE A 5 8.85 -1.49 -16.43
CA ILE A 5 9.75 -2.58 -16.79
C ILE A 5 9.42 -3.78 -15.92
N ILE A 6 9.27 -4.94 -16.56
CA ILE A 6 8.89 -6.16 -15.87
C ILE A 6 9.89 -7.28 -16.16
N LYS A 7 10.11 -8.12 -15.15
CA LYS A 7 10.80 -9.38 -15.35
C LYS A 7 9.91 -10.46 -14.74
N GLU A 8 9.28 -11.28 -15.59
CA GLU A 8 8.25 -12.24 -15.15
C GLU A 8 8.81 -13.37 -14.28
N ASN A 9 10.12 -13.33 -14.09
CA ASN A 9 10.82 -14.02 -13.03
C ASN A 9 12.21 -13.42 -13.04
N PRO A 10 12.71 -12.95 -11.89
CA PRO A 10 14.09 -12.51 -11.78
C PRO A 10 15.02 -13.43 -10.97
N SER A 11 16.29 -13.50 -11.38
CA SER A 11 17.32 -14.10 -10.56
C SER A 11 17.96 -12.97 -9.76
N GLU A 12 18.91 -13.32 -8.89
CA GLU A 12 19.63 -12.34 -8.07
C GLU A 12 20.39 -11.31 -8.90
N GLU A 13 21.02 -11.77 -9.98
CA GLU A 13 21.61 -10.86 -10.96
C GLU A 13 20.60 -9.79 -11.36
N GLU A 14 19.41 -10.24 -11.78
CA GLU A 14 18.34 -9.36 -12.25
C GLU A 14 17.88 -8.33 -11.21
N ILE A 15 17.48 -8.81 -10.03
CA ILE A 15 16.98 -7.94 -8.97
C ILE A 15 17.92 -6.77 -8.70
N LYS A 16 19.21 -7.06 -8.50
CA LYS A 16 20.18 -6.00 -8.25
C LYS A 16 20.22 -5.00 -9.40
N GLU A 17 20.20 -5.49 -10.65
CA GLU A 17 20.14 -4.62 -11.81
C GLU A 17 18.92 -3.71 -11.72
N LEU A 18 17.78 -4.32 -11.41
CA LEU A 18 16.51 -3.62 -11.38
C LEU A 18 16.39 -2.62 -10.23
N LEU A 19 16.91 -2.96 -9.06
CA LEU A 19 16.92 -2.03 -7.93
C LEU A 19 17.77 -0.80 -8.25
N ASP A 20 18.98 -1.03 -8.74
CA ASP A 20 19.89 0.05 -9.17
C ASP A 20 19.26 0.86 -10.29
N LEU A 21 18.65 0.17 -11.25
CA LEU A 21 17.93 0.82 -12.32
C LEU A 21 16.93 1.79 -11.71
N ALA A 22 16.19 1.29 -10.73
CA ALA A 22 15.17 2.08 -10.05
C ALA A 22 15.76 3.23 -9.23
N GLU A 23 16.87 2.98 -8.54
CA GLU A 23 17.53 4.04 -7.77
C GLU A 23 18.02 5.13 -8.71
N LYS A 24 18.59 4.70 -9.84
CA LYS A 24 19.16 5.60 -10.84
C LYS A 24 18.09 6.57 -11.33
N HIS A 25 16.99 6.01 -11.82
CA HIS A 25 15.98 6.82 -12.48
C HIS A 25 14.89 7.31 -11.52
N GLY A 26 14.97 6.87 -10.27
CA GLY A 26 14.00 7.28 -9.25
C GLY A 26 12.63 6.66 -9.43
N GLY A 27 12.61 5.37 -9.76
CA GLY A 27 11.35 4.66 -9.95
C GLY A 27 10.88 3.92 -8.71
N VAL A 28 9.65 3.40 -8.79
CA VAL A 28 9.05 2.60 -7.72
C VAL A 28 9.24 1.13 -8.06
N VAL A 29 9.78 0.37 -7.11
CA VAL A 29 9.89 -1.10 -7.22
C VAL A 29 8.68 -1.77 -6.58
N THR A 30 8.04 -2.67 -7.31
CA THR A 30 6.96 -3.49 -6.75
C THR A 30 7.29 -4.96 -7.01
N ILE A 31 7.52 -5.72 -5.95
CA ILE A 31 7.84 -7.13 -6.08
C ILE A 31 6.64 -7.95 -5.63
N PHE A 32 6.28 -8.95 -6.44
CA PHE A 32 5.37 -10.00 -6.02
C PHE A 32 6.23 -11.22 -5.74
N ALA A 33 6.14 -11.74 -4.52
CA ALA A 33 7.04 -12.81 -4.09
C ALA A 33 6.52 -13.61 -2.92
N ARG A 34 6.77 -14.93 -2.97
CA ARG A 34 6.70 -15.76 -1.78
C ARG A 34 7.98 -15.44 -1.03
N CYS A 35 7.85 -15.25 0.27
CA CYS A 35 8.93 -14.69 1.05
C CYS A 35 8.60 -14.91 2.49
N LYS A 36 9.53 -14.51 3.36
CA LYS A 36 9.19 -14.31 4.75
C LYS A 36 9.73 -12.98 5.25
N VAL A 37 9.23 -12.54 6.39
CA VAL A 37 9.50 -11.19 6.87
C VAL A 37 10.08 -11.30 8.26
N HIS A 38 11.12 -10.52 8.50
CA HIS A 38 11.77 -10.42 9.79
C HIS A 38 11.87 -8.94 10.14
N TYR A 39 11.43 -8.60 11.35
CA TYR A 39 11.45 -7.23 11.83
C TYR A 39 12.18 -7.15 13.13
N GLU A 40 13.00 -6.12 13.27
CA GLU A 40 13.62 -5.76 14.53
C GLU A 40 13.46 -4.25 14.67
N GLY A 41 12.73 -3.82 15.69
CA GLY A 41 12.54 -2.39 15.96
C GLY A 41 12.50 -2.21 17.45
N ARG A 42 11.34 -1.88 17.99
CA ARG A 42 11.19 -1.88 19.44
C ARG A 42 11.29 -3.32 19.95
N ALA A 43 10.59 -4.21 19.24
CA ALA A 43 10.65 -5.65 19.52
C ALA A 43 11.00 -6.44 18.26
N LYS A 44 10.95 -7.76 18.37
CA LYS A 44 11.50 -8.65 17.35
C LYS A 44 10.44 -9.64 16.91
N SER A 45 10.04 -9.56 15.64
CA SER A 45 9.04 -10.47 15.11
C SER A 45 9.42 -11.01 13.73
N GLU A 46 8.70 -12.06 13.32
CA GLU A 46 8.79 -12.62 11.99
C GLU A 46 7.42 -13.04 11.48
N LEU A 47 7.30 -13.19 10.17
CA LEU A 47 6.11 -13.80 9.60
C LEU A 47 6.58 -14.90 8.69
N GLY A 48 5.88 -16.03 8.70
CA GLY A 48 6.26 -17.21 7.92
C GLY A 48 6.18 -16.99 6.42
N GLU A 49 6.43 -18.05 5.66
CA GLU A 49 6.38 -17.93 4.22
C GLU A 49 4.96 -17.68 3.72
N GLY A 50 4.83 -16.80 2.73
CA GLY A 50 3.53 -16.46 2.18
C GLY A 50 3.68 -15.53 1.01
N ASP A 51 2.60 -15.32 0.27
CA ASP A 51 2.64 -14.43 -0.88
C ASP A 51 2.38 -12.98 -0.47
N ARG A 52 3.31 -12.10 -0.81
CA ARG A 52 3.23 -10.71 -0.40
C ARG A 52 3.60 -9.78 -1.56
N ILE A 53 3.18 -8.52 -1.44
CA ILE A 53 3.53 -7.47 -2.40
C ILE A 53 4.36 -6.45 -1.65
N ILE A 54 5.49 -6.09 -2.22
CA ILE A 54 6.47 -5.25 -1.54
C ILE A 54 6.74 -4.02 -2.40
N ILE A 55 6.55 -2.84 -1.82
CA ILE A 55 6.65 -1.58 -2.56
C ILE A 55 7.79 -0.73 -2.00
N ILE A 56 8.71 -0.34 -2.87
CA ILE A 56 9.85 0.43 -2.46
C ILE A 56 9.81 1.72 -3.25
N LYS A 57 9.68 2.83 -2.54
CA LYS A 57 9.58 4.12 -3.19
C LYS A 57 10.91 4.83 -3.13
N PRO A 58 11.15 5.73 -4.10
CA PRO A 58 12.40 6.48 -4.24
C PRO A 58 12.86 7.17 -2.96
N ASP A 59 11.92 7.70 -2.18
CA ASP A 59 12.26 8.39 -0.94
C ASP A 59 12.49 7.46 0.23
N GLY A 60 12.44 6.16 0.00
CA GLY A 60 12.76 5.16 1.04
C GLY A 60 11.54 4.51 1.68
N SER A 61 10.35 4.96 1.32
CA SER A 61 9.12 4.31 1.78
C SER A 61 9.13 2.85 1.38
N PHE A 62 8.84 1.96 2.34
CA PHE A 62 8.93 0.53 2.10
C PHE A 62 7.66 -0.07 2.70
N LEU A 63 6.91 -0.86 1.93
CA LEU A 63 5.63 -1.36 2.38
C LEU A 63 5.50 -2.82 2.03
N ILE A 64 4.94 -3.60 2.96
CA ILE A 64 4.76 -5.00 2.72
C ILE A 64 3.27 -5.34 2.88
N HIS A 65 2.67 -5.81 1.80
CA HIS A 65 1.24 -6.13 1.83
C HIS A 65 1.06 -7.59 1.65
N GLN A 66 0.19 -8.17 2.45
CA GLN A 66 -0.31 -9.46 2.06
C GLN A 66 -1.72 -9.23 1.53
N ASN A 67 -2.48 -10.30 1.33
CA ASN A 67 -3.60 -10.20 0.41
C ASN A 67 -4.92 -9.79 1.04
N LYS A 68 -4.86 -9.22 2.25
CA LYS A 68 -6.12 -9.04 2.95
C LYS A 68 -6.48 -7.67 3.55
N LYS A 69 -5.65 -7.01 4.31
CA LYS A 69 -6.29 -5.82 4.85
C LYS A 69 -5.87 -4.52 4.13
N ARG A 70 -6.30 -3.40 4.66
CA ARG A 70 -5.99 -2.14 4.09
C ARG A 70 -4.52 -1.77 4.43
N GLU A 71 -4.18 -1.93 5.70
CA GLU A 71 -2.86 -1.64 6.22
C GLU A 71 -1.82 -2.62 5.69
N PRO A 72 -0.60 -2.12 5.43
CA PRO A 72 0.48 -3.05 5.19
C PRO A 72 0.78 -3.86 6.45
N VAL A 73 1.46 -4.97 6.27
CA VAL A 73 1.72 -5.86 7.37
C VAL A 73 2.94 -5.38 8.14
N ASN A 74 3.84 -4.69 7.43
CA ASN A 74 5.02 -4.05 7.97
C ASN A 74 5.34 -2.93 6.98
N TRP A 75 6.00 -1.87 7.45
CA TRP A 75 6.25 -0.69 6.64
C TRP A 75 7.48 0.09 7.18
N GLN A 76 8.03 0.98 6.36
CA GLN A 76 9.15 1.81 6.84
C GLN A 76 9.13 3.20 6.18
N PRO A 77 9.33 4.24 6.99
CA PRO A 77 9.09 5.63 6.56
C PRO A 77 10.05 6.13 5.49
N PRO A 78 9.71 7.25 4.81
CA PRO A 78 10.72 7.88 3.94
C PRO A 78 12.02 8.10 4.71
N GLY A 79 13.14 7.80 4.08
CA GLY A 79 14.45 8.06 4.65
C GLY A 79 15.15 6.82 5.16
N SER A 80 14.57 5.66 4.88
CA SER A 80 15.15 4.37 5.25
C SER A 80 15.93 3.87 4.05
N LYS A 81 17.04 3.18 4.31
CA LYS A 81 17.99 2.79 3.26
C LYS A 81 17.79 1.33 2.85
N VAL A 82 17.88 1.07 1.54
CA VAL A 82 17.59 -0.23 0.96
C VAL A 82 18.85 -0.99 0.53
N THR A 83 18.85 -2.30 0.77
CA THR A 83 20.02 -3.15 0.61
C THR A 83 19.59 -4.52 0.09
N PHE A 84 20.41 -5.16 -0.74
CA PHE A 84 20.08 -6.48 -1.29
C PHE A 84 21.22 -7.52 -1.25
N LYS A 85 20.88 -8.77 -0.91
CA LYS A 85 21.84 -9.91 -0.77
C LYS A 85 21.17 -11.32 -0.77
N GLU A 86 20.01 -11.45 -1.44
CA GLU A 86 19.07 -12.59 -1.28
C GLU A 86 17.88 -12.20 -0.35
N ASN A 87 18.07 -11.08 0.34
CA ASN A 87 17.00 -10.45 1.06
C ASN A 87 16.99 -8.97 0.67
N SER A 88 15.83 -8.35 0.71
CA SER A 88 15.78 -6.90 0.69
C SER A 88 15.65 -6.48 2.14
N MSE A 89 16.54 -5.58 2.58
CA MSE A 89 16.44 -4.98 3.90
C MSE A 89 16.21 -3.48 3.78
O MSE A 89 16.82 -2.81 2.94
CB MSE A 89 17.71 -5.19 4.72
CG MSE A 89 18.09 -6.62 5.06
SE MSE A 89 19.78 -7.13 4.22
CE MSE A 89 21.11 -6.72 5.61
N ILE A 90 15.36 -2.97 4.64
CA ILE A 90 15.28 -1.54 4.82
C ILE A 90 15.58 -1.25 6.28
N SER A 91 16.66 -0.50 6.49
CA SER A 91 17.09 -0.13 7.82
C SER A 91 16.92 1.36 8.02
N ILE A 92 16.28 1.73 9.11
CA ILE A 92 16.31 3.09 9.58
C ILE A 92 17.15 3.04 10.86
N ARG A 93 18.39 3.47 10.75
CA ARG A 93 19.14 3.76 11.97
C ARG A 93 19.04 5.25 12.23
N ARG A 94 17.86 5.79 11.93
CA ARG A 94 17.60 7.20 12.16
C ARG A 94 17.04 7.43 13.58
N ARG A 95 17.79 6.87 14.52
CA ARG A 95 17.78 7.23 15.94
C ARG A 95 16.85 6.47 16.90
N PRO A 96 15.80 5.82 16.37
CA PRO A 96 15.67 4.44 16.76
C PRO A 96 16.41 3.61 15.71
N TYR A 97 16.70 2.35 16.02
CA TYR A 97 17.21 1.42 15.02
C TYR A 97 16.06 0.52 14.61
N GLU A 98 15.89 0.32 13.31
CA GLU A 98 14.84 -0.54 12.81
C GLU A 98 15.27 -1.30 11.58
N ARG A 99 15.00 -2.61 11.57
CA ARG A 99 15.35 -3.46 10.45
C ARG A 99 14.16 -4.24 9.93
N LEU A 100 13.80 -4.01 8.68
CA LEU A 100 12.78 -4.81 8.06
C LEU A 100 13.39 -5.60 6.92
N GLU A 101 13.30 -6.93 7.00
CA GLU A 101 13.86 -7.81 5.99
C GLU A 101 12.80 -8.67 5.29
N VAL A 102 12.90 -8.71 3.98
CA VAL A 102 12.11 -9.61 3.18
C VAL A 102 13.08 -10.66 2.69
N GLU A 103 13.07 -11.85 3.28
CA GLU A 103 13.88 -12.92 2.73
C GLU A 103 13.08 -13.57 1.61
N ILE A 104 13.54 -13.34 0.39
CA ILE A 104 12.84 -13.82 -0.79
C ILE A 104 13.03 -15.32 -0.93
N ILE A 105 11.92 -16.03 -1.00
CA ILE A 105 11.93 -17.47 -1.20
C ILE A 105 11.80 -17.77 -2.69
N GLU A 106 10.91 -17.02 -3.34
CA GLU A 106 10.47 -17.31 -4.67
C GLU A 106 9.93 -16.00 -5.24
N PRO A 107 10.74 -15.32 -6.09
CA PRO A 107 10.28 -14.05 -6.64
C PRO A 107 9.46 -14.27 -7.91
N TYR A 108 8.14 -14.12 -7.80
CA TYR A 108 7.26 -14.35 -8.94
C TYR A 108 7.43 -13.28 -10.02
N SER A 109 7.72 -12.07 -9.60
CA SER A 109 7.91 -10.97 -10.54
C SER A 109 8.34 -9.70 -9.83
N LEU A 110 9.06 -8.87 -10.57
CA LEU A 110 9.46 -7.57 -10.10
C LEU A 110 9.05 -6.57 -11.18
N VAL A 111 8.53 -5.43 -10.75
CA VAL A 111 8.12 -4.37 -11.67
C VAL A 111 8.72 -3.03 -11.24
N VAL A 112 9.44 -2.38 -12.16
CA VAL A 112 9.92 -1.03 -11.94
C VAL A 112 8.91 -0.11 -12.62
N PHE A 113 8.54 0.95 -11.92
CA PHE A 113 7.54 1.89 -12.43
C PHE A 113 8.09 3.30 -12.33
N LEU A 114 8.58 3.81 -13.45
CA LEU A 114 9.19 5.12 -13.50
C LEU A 114 8.10 6.16 -13.52
N ALA A 115 7.61 6.48 -12.33
CA ALA A 115 6.46 7.33 -12.16
C ALA A 115 6.88 8.75 -11.85
N GLU A 116 6.19 9.72 -12.45
CA GLU A 116 6.43 11.15 -12.22
C GLU A 116 5.94 11.59 -10.85
N ASP A 117 6.66 12.53 -10.23
CA ASP A 117 6.17 13.19 -9.02
C ASP A 117 4.79 13.73 -9.31
N TYR A 118 3.92 13.72 -8.32
CA TYR A 118 2.67 14.44 -8.47
C TYR A 118 2.79 15.80 -7.80
N GLU A 119 2.65 16.85 -8.59
CA GLU A 119 2.65 18.23 -8.08
C GLU A 119 1.19 18.66 -7.86
N GLU A 120 0.94 19.21 -6.67
CA GLU A 120 -0.42 19.52 -6.20
C GLU A 120 -1.26 20.44 -7.12
N SER A 126 -11.37 29.22 -6.78
CA SER A 126 -11.99 27.97 -6.36
C SER A 126 -13.48 27.91 -6.74
N GLU A 127 -14.03 26.70 -6.66
CA GLU A 127 -15.43 26.46 -6.96
C GLU A 127 -16.33 26.93 -5.80
N ALA A 128 -15.75 27.03 -4.60
CA ALA A 128 -16.41 27.70 -3.48
C ALA A 128 -16.71 29.16 -3.81
N GLU A 129 -15.77 29.86 -4.43
CA GLU A 129 -15.97 31.25 -4.89
C GLU A 129 -17.04 31.41 -5.99
N MSE A 130 -17.17 30.39 -6.84
CA MSE A 130 -18.22 30.40 -7.85
C MSE A 130 -19.57 30.25 -7.18
O MSE A 130 -20.56 30.91 -7.55
CB MSE A 130 -18.01 29.27 -8.87
CG MSE A 130 -16.81 29.47 -9.78
SE MSE A 130 -16.42 27.87 -10.83
CE MSE A 130 -17.84 28.04 -12.19
N ALA A 131 -19.61 29.39 -6.16
CA ALA A 131 -20.82 29.18 -5.38
C ALA A 131 -21.21 30.49 -4.73
N ASN A 132 -20.23 31.20 -4.17
CA ASN A 132 -20.49 32.49 -3.54
C ASN A 132 -21.19 33.44 -4.51
N LEU A 133 -20.75 33.42 -5.75
CA LEU A 133 -21.29 34.27 -6.78
C LEU A 133 -22.75 33.91 -7.04
N ILE A 134 -23.02 32.61 -7.10
CA ILE A 134 -24.37 32.10 -7.38
C ILE A 134 -25.37 32.42 -6.27
N PHE A 135 -24.95 32.30 -5.02
CA PHE A 135 -25.80 32.66 -3.89
C PHE A 135 -26.06 34.16 -3.83
N GLU A 136 -25.04 34.94 -4.20
CA GLU A 136 -25.10 36.39 -4.20
C GLU A 136 -26.07 36.93 -5.25
N ASN A 137 -26.04 36.29 -6.41
CA ASN A 137 -26.87 36.66 -7.54
C ASN A 137 -27.26 35.42 -8.34
N PRO A 138 -28.30 34.71 -7.87
CA PRO A 138 -28.82 33.50 -8.52
C PRO A 138 -29.13 33.72 -10.00
N ARG A 139 -29.23 34.99 -10.39
CA ARG A 139 -29.63 35.33 -11.74
C ARG A 139 -28.61 34.85 -12.78
N VAL A 140 -27.34 34.73 -12.39
CA VAL A 140 -26.31 34.20 -13.28
C VAL A 140 -26.66 32.78 -13.77
N ILE A 141 -27.45 32.08 -12.97
CA ILE A 141 -27.96 30.79 -13.37
C ILE A 141 -29.26 30.98 -14.13
N GLU A 142 -30.21 31.67 -13.50
CA GLU A 142 -31.57 31.77 -13.98
C GLU A 142 -32.37 32.79 -13.22
N GLU A 143 -33.40 33.28 -13.88
CA GLU A 143 -34.39 34.13 -13.26
C GLU A 143 -35.17 33.30 -12.23
N GLY A 144 -35.14 33.73 -10.97
CA GLY A 144 -35.90 33.07 -9.91
C GLY A 144 -35.39 31.69 -9.54
N PHE A 145 -34.08 31.51 -9.61
CA PHE A 145 -33.44 30.32 -9.08
C PHE A 145 -33.06 30.60 -7.63
N LYS A 146 -33.42 29.68 -6.74
CA LYS A 146 -33.08 29.82 -5.33
C LYS A 146 -32.02 28.77 -4.94
N PRO A 147 -30.76 29.22 -4.75
CA PRO A 147 -29.78 28.24 -4.28
C PRO A 147 -29.96 28.02 -2.78
N ILE A 148 -29.88 26.78 -2.34
CA ILE A 148 -30.21 26.46 -0.96
C ILE A 148 -29.04 25.84 -0.21
N TYR A 149 -28.46 24.79 -0.79
CA TYR A 149 -27.45 23.98 -0.11
C TYR A 149 -26.11 24.04 -0.82
N ARG A 150 -25.03 23.91 -0.06
CA ARG A 150 -23.68 23.76 -0.59
C ARG A 150 -23.10 22.44 -0.14
N GLU A 151 -22.36 21.76 -1.03
CA GLU A 151 -21.77 20.46 -0.69
C GLU A 151 -22.81 19.57 -0.03
N LYS A 152 -23.95 19.40 -0.70
CA LYS A 152 -25.10 18.75 -0.09
C LYS A 152 -24.97 17.24 -0.23
N PRO A 153 -24.93 16.53 0.90
CA PRO A 153 -24.98 15.06 0.83
C PRO A 153 -26.31 14.59 0.25
N ILE A 154 -26.20 13.66 -0.71
CA ILE A 154 -27.27 13.06 -1.47
C ILE A 154 -27.16 11.54 -1.31
N ARG A 155 -28.18 10.78 -1.73
CA ARG A 155 -28.15 9.33 -1.57
C ARG A 155 -26.90 8.70 -2.17
N HIS A 156 -26.54 9.11 -3.40
CA HIS A 156 -25.35 8.58 -4.07
C HIS A 156 -24.32 9.65 -4.40
N GLY A 157 -24.10 10.59 -3.48
CA GLY A 157 -23.07 11.56 -3.74
C GLY A 157 -23.22 12.89 -3.05
N ILE A 158 -22.45 13.86 -3.55
CA ILE A 158 -22.40 15.20 -2.98
C ILE A 158 -22.52 16.23 -4.09
N VAL A 159 -23.45 17.16 -3.90
CA VAL A 159 -23.85 18.10 -4.93
C VAL A 159 -23.25 19.46 -4.59
N ASP A 160 -22.57 20.09 -5.54
CA ASP A 160 -21.85 21.36 -5.30
C ASP A 160 -22.76 22.44 -4.73
N VAL A 161 -23.76 22.84 -5.51
CA VAL A 161 -24.89 23.64 -5.06
C VAL A 161 -26.20 22.92 -5.43
N MSE A 162 -27.17 22.94 -4.52
CA MSE A 162 -28.51 22.44 -4.81
C MSE A 162 -29.49 23.53 -4.46
O MSE A 162 -29.32 24.25 -3.46
CB MSE A 162 -28.80 21.17 -4.02
CG MSE A 162 -30.14 20.53 -4.37
SE MSE A 162 -30.33 18.76 -3.54
CE MSE A 162 -31.81 19.09 -2.33
N GLY A 163 -30.50 23.67 -5.31
CA GLY A 163 -31.53 24.65 -5.11
C GLY A 163 -32.85 24.25 -5.73
N VAL A 164 -33.71 25.26 -5.90
CA VAL A 164 -35.02 25.06 -6.44
C VAL A 164 -35.24 26.19 -7.45
N ASP A 165 -35.86 25.88 -8.59
CA ASP A 165 -36.11 26.89 -9.62
C ASP A 165 -37.47 27.58 -9.46
N LYS A 166 -37.77 28.49 -10.39
CA LYS A 166 -39.07 29.17 -10.51
C LYS A 166 -40.29 28.28 -10.25
N ASP A 167 -40.32 27.11 -10.91
CA ASP A 167 -41.46 26.19 -10.87
C ASP A 167 -41.42 25.20 -9.70
N GLY A 168 -40.46 25.39 -8.79
CA GLY A 168 -40.31 24.52 -7.62
C GLY A 168 -39.58 23.22 -7.88
N ASN A 169 -39.04 23.06 -9.08
CA ASN A 169 -38.20 21.90 -9.43
C ASN A 169 -36.87 21.94 -8.70
N ILE A 170 -36.36 20.78 -8.33
CA ILE A 170 -35.03 20.69 -7.73
C ILE A 170 -33.97 20.88 -8.81
N VAL A 171 -33.05 21.80 -8.55
CA VAL A 171 -31.97 22.08 -9.48
C VAL A 171 -30.66 21.69 -8.83
N VAL A 172 -29.95 20.78 -9.51
CA VAL A 172 -28.59 20.40 -9.16
C VAL A 172 -27.59 21.23 -9.97
N LEU A 173 -26.64 21.87 -9.29
CA LEU A 173 -25.50 22.53 -9.96
C LEU A 173 -24.20 21.77 -9.72
N GLU A 174 -23.49 21.47 -10.79
CA GLU A 174 -22.13 20.96 -10.73
C GLU A 174 -21.19 22.05 -11.23
N LEU A 175 -20.33 22.55 -10.34
CA LEU A 175 -19.39 23.64 -10.68
C LEU A 175 -17.99 23.14 -10.97
N LYS A 176 -17.52 23.40 -12.18
CA LYS A 176 -16.12 23.20 -12.51
C LYS A 176 -15.52 24.56 -12.84
N ARG A 177 -14.21 24.72 -12.63
CA ARG A 177 -13.57 26.01 -12.87
C ARG A 177 -12.72 26.01 -14.15
N ARG A 178 -12.52 24.83 -14.74
CA ARG A 178 -11.84 24.67 -16.02
C ARG A 178 -12.85 24.24 -17.08
N LYS A 179 -12.38 23.97 -18.29
CA LYS A 179 -13.23 23.36 -19.32
C LYS A 179 -13.89 22.11 -18.76
N ALA A 180 -15.21 22.05 -18.84
CA ALA A 180 -15.95 20.90 -18.35
C ALA A 180 -15.84 19.73 -19.32
N ASP A 181 -15.43 18.59 -18.81
CA ASP A 181 -15.28 17.38 -19.62
C ASP A 181 -16.45 16.42 -19.49
N LEU A 182 -16.30 15.29 -20.18
CA LEU A 182 -17.27 14.22 -20.19
C LEU A 182 -17.50 13.71 -18.78
N HIS A 183 -16.40 13.61 -18.01
CA HIS A 183 -16.46 13.11 -16.64
C HIS A 183 -17.35 13.97 -15.77
N ALA A 184 -17.18 15.29 -15.87
CA ALA A 184 -18.04 16.24 -15.18
C ALA A 184 -19.51 15.95 -15.43
N VAL A 185 -19.88 15.82 -16.70
CA VAL A 185 -21.28 15.59 -17.06
C VAL A 185 -21.80 14.28 -16.44
N SER A 186 -21.01 13.21 -16.54
CA SER A 186 -21.36 11.92 -15.94
C SER A 186 -21.51 12.01 -14.43
N GLN A 187 -20.61 12.78 -13.81
CA GLN A 187 -20.68 13.03 -12.38
C GLN A 187 -22.03 13.67 -12.06
N MSE A 188 -22.33 14.78 -12.72
CA MSE A 188 -23.59 15.47 -12.50
C MSE A 188 -24.80 14.58 -12.78
O MSE A 188 -25.79 14.58 -12.02
CB MSE A 188 -23.68 16.74 -13.33
CG MSE A 188 -24.94 17.51 -13.06
SE MSE A 188 -24.92 19.23 -13.94
CE MSE A 188 -25.15 18.60 -15.76
N LYS A 189 -24.74 13.82 -13.88
CA LYS A 189 -25.79 12.87 -14.23
C LYS A 189 -26.12 11.97 -13.06
N ARG A 190 -25.10 11.38 -12.44
CA ARG A 190 -25.29 10.48 -11.31
C ARG A 190 -26.11 11.15 -10.21
N TYR A 191 -25.78 12.41 -9.91
CA TYR A 191 -26.47 13.17 -8.88
C TYR A 191 -27.92 13.38 -9.27
N VAL A 192 -28.14 13.77 -10.53
CA VAL A 192 -29.48 14.02 -11.04
C VAL A 192 -30.35 12.75 -10.96
N ASP A 193 -29.84 11.66 -11.52
CA ASP A 193 -30.52 10.37 -11.50
C ASP A 193 -30.88 9.94 -10.08
N SER A 194 -29.91 10.04 -9.16
CA SER A 194 -30.12 9.75 -7.75
C SER A 194 -31.32 10.52 -7.20
N LEU A 195 -31.38 11.81 -7.51
CA LEU A 195 -32.47 12.66 -7.04
C LEU A 195 -33.77 12.39 -7.81
N LYS A 196 -33.65 11.99 -9.07
CA LYS A 196 -34.83 11.61 -9.85
C LYS A 196 -35.53 10.38 -9.24
N GLU A 197 -34.74 9.42 -8.76
CA GLU A 197 -35.25 8.27 -8.02
C GLU A 197 -35.86 8.67 -6.69
N GLU A 198 -35.68 9.93 -6.31
CA GLU A 198 -36.16 10.37 -5.00
C GLU A 198 -37.32 11.33 -5.05
N TYR A 199 -37.28 12.30 -5.96
CA TYR A 199 -38.30 13.34 -6.05
C TYR A 199 -39.14 13.32 -7.34
N GLY A 200 -38.87 12.36 -8.22
CA GLY A 200 -39.60 12.25 -9.47
C GLY A 200 -38.80 12.77 -10.63
N GLU A 201 -39.44 12.92 -11.78
CA GLU A 201 -38.76 13.27 -13.03
C GLU A 201 -38.35 14.75 -13.10
N ASN A 202 -38.89 15.56 -12.20
CA ASN A 202 -38.64 17.01 -12.25
C ASN A 202 -37.46 17.50 -11.42
N VAL A 203 -36.28 17.12 -11.88
CA VAL A 203 -35.01 17.51 -11.29
C VAL A 203 -34.15 17.95 -12.46
N ARG A 204 -33.57 19.15 -12.36
CA ARG A 204 -32.73 19.66 -13.43
C ARG A 204 -31.26 19.60 -13.06
N GLY A 205 -30.43 19.34 -14.05
CA GLY A 205 -28.99 19.35 -13.87
C GLY A 205 -28.35 20.42 -14.71
N ILE A 206 -27.78 21.42 -14.05
CA ILE A 206 -27.06 22.47 -14.75
C ILE A 206 -25.56 22.41 -14.44
N LEU A 207 -24.77 22.22 -15.49
CA LEU A 207 -23.32 22.22 -15.39
C LEU A 207 -22.81 23.65 -15.48
N VAL A 208 -22.19 24.15 -14.42
CA VAL A 208 -21.69 25.53 -14.38
C VAL A 208 -20.16 25.57 -14.49
N ALA A 209 -19.68 26.12 -15.60
CA ALA A 209 -18.24 26.13 -15.92
C ALA A 209 -17.97 27.30 -16.87
N PRO A 210 -16.68 27.65 -17.10
CA PRO A 210 -16.35 28.68 -18.10
C PRO A 210 -16.54 28.23 -19.56
N SER A 211 -16.46 26.92 -19.79
CA SER A 211 -16.62 26.33 -21.11
C SER A 211 -16.63 24.82 -20.96
N LEU A 212 -16.88 24.12 -22.07
CA LEU A 212 -16.97 22.67 -22.03
C LEU A 212 -16.56 22.01 -23.34
N THR A 213 -16.08 20.76 -23.26
CA THR A 213 -15.72 19.97 -24.43
C THR A 213 -16.94 19.76 -25.33
N GLU A 214 -16.67 19.46 -26.60
CA GLU A 214 -17.71 19.05 -27.55
C GLU A 214 -18.43 17.82 -27.03
N GLY A 215 -17.65 16.85 -26.54
CA GLY A 215 -18.19 15.64 -25.94
C GLY A 215 -19.11 15.93 -24.76
N ALA A 216 -18.73 16.90 -23.93
CA ALA A 216 -19.55 17.35 -22.83
C ALA A 216 -20.89 17.92 -23.32
N LYS A 217 -20.83 18.91 -24.21
CA LYS A 217 -22.02 19.51 -24.81
C LYS A 217 -22.94 18.46 -25.40
N LYS A 218 -22.32 17.42 -25.98
CA LYS A 218 -23.04 16.30 -26.61
C LYS A 218 -23.82 15.50 -25.57
N LEU A 219 -23.10 14.93 -24.61
CA LEU A 219 -23.71 14.09 -23.59
C LEU A 219 -24.75 14.84 -22.77
N LEU A 220 -24.58 16.15 -22.64
CA LEU A 220 -25.59 16.99 -21.99
C LEU A 220 -26.90 16.99 -22.79
N GLU A 221 -26.81 17.35 -24.06
CA GLU A 221 -27.98 17.38 -24.94
C GLU A 221 -28.64 16.02 -24.94
N LYS A 222 -27.82 15.00 -25.19
CA LYS A 222 -28.23 13.60 -25.20
C LYS A 222 -28.97 13.20 -23.92
N GLU A 223 -28.71 13.92 -22.83
CA GLU A 223 -29.09 13.48 -21.49
C GLU A 223 -30.17 14.32 -20.82
N GLY A 224 -30.49 15.45 -21.43
CA GLY A 224 -31.55 16.32 -20.91
C GLY A 224 -31.03 17.28 -19.86
N LEU A 225 -29.72 17.48 -19.87
CA LEU A 225 -29.06 18.34 -18.89
C LEU A 225 -28.56 19.63 -19.53
N GLU A 226 -28.31 20.64 -18.71
CA GLU A 226 -28.11 21.99 -19.20
C GLU A 226 -26.71 22.52 -18.88
N PHE A 227 -26.34 23.62 -19.52
CA PHE A 227 -25.06 24.27 -19.27
C PHE A 227 -25.31 25.73 -18.97
N ARG A 228 -24.41 26.30 -18.17
CA ARG A 228 -24.42 27.72 -17.90
C ARG A 228 -23.01 28.20 -17.82
N LYS A 229 -22.73 29.30 -18.52
CA LYS A 229 -21.39 29.84 -18.62
C LYS A 229 -21.10 30.76 -17.44
N LEU A 230 -19.98 30.48 -16.75
CA LEU A 230 -19.55 31.31 -15.62
C LEU A 230 -18.04 31.18 -15.35
N GLU A 231 -17.39 32.32 -15.15
CA GLU A 231 -15.95 32.38 -14.89
C GLU A 231 -15.66 32.47 -13.41
N PRO A 232 -14.71 31.65 -12.87
CA PRO A 232 -14.25 31.94 -11.52
C PRO A 232 -13.64 33.36 -11.53
N PRO A 233 -14.34 34.35 -10.92
CA PRO A 233 -14.12 35.82 -11.02
C PRO A 233 -12.64 36.30 -10.87
N LYS B 3 1.26 -17.81 -10.80
CA LYS B 3 0.75 -16.94 -9.72
C LYS B 3 0.69 -15.47 -10.12
N VAL B 4 1.38 -15.12 -11.19
CA VAL B 4 1.38 -13.75 -11.69
C VAL B 4 0.93 -13.74 -13.15
N ILE B 5 -0.10 -12.95 -13.44
CA ILE B 5 -0.50 -12.69 -14.83
C ILE B 5 -0.33 -11.20 -15.12
N ILE B 6 0.30 -10.90 -16.24
CA ILE B 6 0.60 -9.53 -16.60
C ILE B 6 0.08 -9.23 -17.99
N LYS B 7 -0.40 -7.99 -18.19
CA LYS B 7 -0.64 -7.45 -19.51
C LYS B 7 0.11 -6.11 -19.56
N GLU B 8 1.20 -6.07 -20.32
CA GLU B 8 2.11 -4.89 -20.34
C GLU B 8 1.46 -3.66 -20.96
N ASN B 9 0.23 -3.83 -21.44
CA ASN B 9 -0.72 -2.76 -21.70
C ASN B 9 -2.05 -3.45 -21.88
N PRO B 10 -3.09 -3.01 -21.16
CA PRO B 10 -4.43 -3.50 -21.37
C PRO B 10 -5.40 -2.52 -22.05
N SER B 11 -6.34 -3.05 -22.82
CA SER B 11 -7.48 -2.28 -23.28
C SER B 11 -8.63 -2.51 -22.31
N GLU B 12 -9.76 -1.85 -22.52
CA GLU B 12 -10.94 -2.03 -21.68
C GLU B 12 -11.43 -3.47 -21.68
N GLU B 13 -11.42 -4.10 -22.85
CA GLU B 13 -11.70 -5.52 -22.96
C GLU B 13 -10.86 -6.30 -21.96
N GLU B 14 -9.53 -6.09 -22.02
CA GLU B 14 -8.58 -6.76 -21.13
C GLU B 14 -8.85 -6.56 -19.63
N ILE B 15 -8.91 -5.30 -19.19
CA ILE B 15 -9.10 -4.99 -17.77
C ILE B 15 -10.30 -5.76 -17.18
N LYS B 16 -11.45 -5.70 -17.85
CA LYS B 16 -12.65 -6.41 -17.38
C LYS B 16 -12.40 -7.90 -17.26
N GLU B 17 -11.71 -8.49 -18.25
CA GLU B 17 -11.33 -9.91 -18.19
C GLU B 17 -10.49 -10.17 -16.95
N LEU B 18 -9.53 -9.27 -16.71
CA LEU B 18 -8.56 -9.44 -15.65
C LEU B 18 -9.14 -9.23 -14.25
N LEU B 19 -10.06 -8.27 -14.12
CA LEU B 19 -10.73 -8.04 -12.85
C LEU B 19 -11.59 -9.24 -12.47
N ASP B 20 -12.41 -9.70 -13.42
CA ASP B 20 -13.24 -10.90 -13.27
C ASP B 20 -12.37 -12.12 -12.99
N LEU B 21 -11.28 -12.26 -13.75
CA LEU B 21 -10.32 -13.31 -13.51
C LEU B 21 -9.90 -13.26 -12.05
N ALA B 22 -9.59 -12.06 -11.58
CA ALA B 22 -9.16 -11.86 -10.21
C ALA B 22 -10.28 -12.14 -9.20
N GLU B 23 -11.50 -11.70 -9.48
CA GLU B 23 -12.63 -11.96 -8.58
C GLU B 23 -12.86 -13.47 -8.47
N LYS B 24 -12.79 -14.15 -9.61
CA LYS B 24 -13.03 -15.59 -9.73
C LYS B 24 -12.06 -16.37 -8.84
N HIS B 25 -10.78 -16.14 -9.05
CA HIS B 25 -9.76 -16.90 -8.36
C HIS B 25 -9.33 -16.27 -7.03
N GLY B 26 -9.89 -15.09 -6.72
CA GLY B 26 -9.58 -14.38 -5.48
C GLY B 26 -8.17 -13.84 -5.41
N GLY B 27 -7.71 -13.22 -6.50
CA GLY B 27 -6.36 -12.66 -6.57
C GLY B 27 -6.29 -11.16 -6.30
N VAL B 28 -5.07 -10.67 -6.14
CA VAL B 28 -4.85 -9.23 -5.96
C VAL B 28 -4.57 -8.61 -7.32
N VAL B 29 -5.28 -7.51 -7.61
CA VAL B 29 -5.04 -6.69 -8.80
C VAL B 29 -4.14 -5.52 -8.42
N THR B 30 -3.06 -5.34 -9.17
CA THR B 30 -2.20 -4.15 -9.03
C THR B 30 -2.09 -3.45 -10.39
N ILE B 31 -2.61 -2.23 -10.47
CA ILE B 31 -2.55 -1.45 -11.71
C ILE B 31 -1.52 -0.33 -11.58
N PHE B 32 -0.68 -0.21 -12.58
CA PHE B 32 0.19 0.95 -12.73
C PHE B 32 -0.40 1.79 -13.86
N ALA B 33 -0.77 3.02 -13.55
CA ALA B 33 -1.53 3.85 -14.48
C ALA B 33 -1.39 5.34 -14.24
N ARG B 34 -1.29 6.08 -15.34
CA ARG B 34 -1.57 7.50 -15.30
C ARG B 34 -3.09 7.57 -15.22
N CYS B 35 -3.58 8.42 -14.35
CA CYS B 35 -4.98 8.41 -13.98
C CYS B 35 -5.25 9.68 -13.24
N LYS B 36 -6.53 9.86 -12.89
CA LYS B 36 -6.89 10.83 -11.87
C LYS B 36 -7.89 10.24 -10.89
N VAL B 37 -8.01 10.90 -9.75
CA VAL B 37 -8.73 10.32 -8.62
C VAL B 37 -9.83 11.28 -8.22
N HIS B 38 -11.02 10.72 -8.02
CA HIS B 38 -12.15 11.47 -7.51
C HIS B 38 -12.71 10.76 -6.27
N TYR B 39 -12.88 11.53 -5.21
CA TYR B 39 -13.37 10.99 -3.95
C TYR B 39 -14.62 11.72 -3.55
N GLU B 40 -15.60 10.98 -3.08
CA GLU B 40 -16.77 11.54 -2.42
C GLU B 40 -17.03 10.73 -1.15
N GLY B 41 -16.87 11.37 0.00
CA GLY B 41 -17.12 10.72 1.28
C GLY B 41 -17.78 11.72 2.20
N ARG B 42 -17.09 12.11 3.25
CA ARG B 42 -17.59 13.22 4.06
C ARG B 42 -17.62 14.49 3.22
N ALA B 43 -16.52 14.75 2.50
CA ALA B 43 -16.43 15.85 1.54
C ALA B 43 -16.00 15.33 0.18
N LYS B 44 -15.68 16.26 -0.73
CA LYS B 44 -15.52 15.94 -2.14
C LYS B 44 -14.21 16.50 -2.64
N SER B 45 -13.36 15.62 -3.13
CA SER B 45 -12.05 16.02 -3.62
C SER B 45 -11.69 15.30 -4.90
N GLU B 46 -10.65 15.81 -5.57
CA GLU B 46 -10.02 15.17 -6.71
C GLU B 46 -8.49 15.33 -6.70
N LEU B 47 -7.78 14.46 -7.42
CA LEU B 47 -6.37 14.69 -7.66
C LEU B 47 -6.20 14.64 -9.16
N GLY B 48 -5.36 15.53 -9.69
CA GLY B 48 -5.15 15.65 -11.12
C GLY B 48 -4.43 14.45 -11.70
N GLU B 49 -4.10 14.52 -12.98
CA GLU B 49 -3.45 13.39 -13.63
C GLU B 49 -2.02 13.16 -13.11
N GLY B 50 -1.69 11.89 -12.90
CA GLY B 50 -0.39 11.53 -12.36
C GLY B 50 -0.23 10.03 -12.33
N ASP B 51 1.01 9.59 -12.12
CA ASP B 51 1.30 8.16 -12.13
C ASP B 51 1.06 7.58 -10.73
N ARG B 52 0.25 6.53 -10.67
CA ARG B 52 -0.18 5.94 -9.40
C ARG B 52 -0.21 4.42 -9.47
N ILE B 53 -0.10 3.78 -8.31
CA ILE B 53 -0.24 2.34 -8.19
C ILE B 53 -1.53 2.05 -7.43
N ILE B 54 -2.35 1.17 -7.97
CA ILE B 54 -3.66 0.90 -7.40
C ILE B 54 -3.76 -0.57 -7.05
N ILE B 55 -4.12 -0.86 -5.80
CA ILE B 55 -4.13 -2.22 -5.31
C ILE B 55 -5.54 -2.61 -4.90
N ILE B 56 -6.05 -3.69 -5.46
CA ILE B 56 -7.41 -4.14 -5.17
C ILE B 56 -7.33 -5.55 -4.61
N LYS B 57 -7.70 -5.70 -3.36
CA LYS B 57 -7.61 -6.98 -2.70
C LYS B 57 -8.96 -7.70 -2.69
N PRO B 58 -8.93 -9.03 -2.66
CA PRO B 58 -10.12 -9.86 -2.73
C PRO B 58 -11.22 -9.47 -1.74
N ASP B 59 -10.85 -9.02 -0.55
CA ASP B 59 -11.82 -8.62 0.47
C ASP B 59 -12.35 -7.18 0.30
N GLY B 60 -11.97 -6.53 -0.80
CA GLY B 60 -12.47 -5.20 -1.09
C GLY B 60 -11.51 -4.07 -0.71
N SER B 61 -10.38 -4.40 -0.09
CA SER B 61 -9.41 -3.37 0.25
C SER B 61 -8.97 -2.71 -1.03
N PHE B 62 -8.99 -1.38 -1.04
CA PHE B 62 -8.63 -0.61 -2.21
C PHE B 62 -7.60 0.48 -1.82
N LEU B 63 -6.42 0.50 -2.44
CA LEU B 63 -5.37 1.46 -2.06
C LEU B 63 -4.85 2.15 -3.28
N ILE B 64 -4.62 3.45 -3.16
CA ILE B 64 -4.05 4.21 -4.24
C ILE B 64 -2.79 4.84 -3.74
N HIS B 65 -1.67 4.49 -4.37
CA HIS B 65 -0.38 5.06 -3.98
C HIS B 65 0.15 5.91 -5.10
N GLN B 66 0.68 7.07 -4.75
CA GLN B 66 1.58 7.73 -5.67
C GLN B 66 2.99 7.47 -5.18
N ASN B 67 3.99 8.15 -5.73
CA ASN B 67 5.35 7.65 -5.66
C ASN B 67 6.15 8.14 -4.46
N LYS B 68 5.47 8.64 -3.44
CA LYS B 68 6.21 9.34 -2.40
C LYS B 68 6.01 9.03 -0.92
N LYS B 69 4.83 8.83 -0.39
CA LYS B 69 4.94 8.64 1.06
C LYS B 69 4.64 7.23 1.50
N ARG B 70 4.55 7.00 2.79
CA ARG B 70 4.23 5.69 3.29
C ARG B 70 2.70 5.38 3.10
N GLU B 71 1.87 6.36 3.43
CA GLU B 71 0.42 6.21 3.40
C GLU B 71 -0.04 6.31 1.97
N PRO B 72 -1.06 5.52 1.61
CA PRO B 72 -1.69 5.71 0.33
C PRO B 72 -2.37 7.08 0.29
N VAL B 73 -2.66 7.54 -0.92
CA VAL B 73 -3.24 8.85 -1.10
C VAL B 73 -4.75 8.81 -0.85
N ASN B 74 -5.34 7.66 -1.14
CA ASN B 74 -6.73 7.39 -0.88
C ASN B 74 -6.81 5.90 -0.71
N TRP B 75 -7.75 5.45 0.12
CA TRP B 75 -7.91 4.04 0.42
C TRP B 75 -9.37 3.70 0.72
N GLN B 76 -9.72 2.41 0.71
CA GLN B 76 -11.07 1.97 1.06
C GLN B 76 -11.07 0.60 1.76
N PRO B 77 -11.84 0.46 2.85
CA PRO B 77 -11.71 -0.70 3.75
C PRO B 77 -12.23 -2.03 3.15
N PRO B 78 -11.85 -3.17 3.77
CA PRO B 78 -12.46 -4.42 3.32
C PRO B 78 -13.96 -4.27 3.34
N GLY B 79 -14.60 -4.80 2.30
CA GLY B 79 -16.07 -4.83 2.22
C GLY B 79 -16.63 -3.76 1.31
N SER B 80 -15.77 -3.17 0.50
CA SER B 80 -16.19 -2.18 -0.47
C SER B 80 -16.29 -2.86 -1.82
N LYS B 81 -17.22 -2.43 -2.65
CA LYS B 81 -17.53 -3.14 -3.88
C LYS B 81 -16.90 -2.45 -5.08
N VAL B 82 -16.36 -3.26 -6.00
CA VAL B 82 -15.57 -2.77 -7.13
C VAL B 82 -16.35 -2.86 -8.45
N THR B 83 -16.12 -1.89 -9.33
CA THR B 83 -16.90 -1.70 -10.56
C THR B 83 -16.02 -1.07 -11.64
N PHE B 84 -16.25 -1.44 -12.90
CA PHE B 84 -15.45 -0.92 -14.01
C PHE B 84 -16.26 -0.47 -15.25
N LYS B 85 -15.86 0.65 -15.84
CA LYS B 85 -16.53 1.27 -17.01
C LYS B 85 -15.66 2.33 -17.76
N GLU B 86 -14.33 2.15 -17.71
CA GLU B 86 -13.33 3.19 -18.06
C GLU B 86 -12.76 3.86 -16.77
N ASN B 87 -13.44 3.61 -15.67
CA ASN B 87 -12.94 3.98 -14.36
C ASN B 87 -13.09 2.75 -13.46
N SER B 88 -12.21 2.61 -12.46
CA SER B 88 -12.48 1.67 -11.39
C SER B 88 -13.08 2.48 -10.24
N MSE B 89 -14.21 2.02 -9.75
CA MSE B 89 -14.82 2.63 -8.58
C MSE B 89 -14.88 1.63 -7.45
O MSE B 89 -15.16 0.44 -7.66
CB MSE B 89 -16.23 3.15 -8.84
CG MSE B 89 -16.39 4.16 -9.94
SE MSE B 89 -17.45 3.40 -11.40
CE MSE B 89 -19.24 4.14 -11.05
N ILE B 90 -14.63 2.11 -6.24
CA ILE B 90 -14.93 1.35 -5.05
C ILE B 90 -15.89 2.18 -4.23
N SER B 91 -17.09 1.63 -4.02
CA SER B 91 -18.10 2.29 -3.25
C SER B 91 -18.35 1.50 -1.99
N ILE B 92 -18.31 2.20 -0.86
CA ILE B 92 -18.83 1.66 0.37
C ILE B 92 -20.10 2.46 0.67
N ARG B 93 -21.25 1.88 0.35
CA ARG B 93 -22.51 2.41 0.89
C ARG B 93 -22.84 1.65 2.14
N ARG B 94 -21.80 1.34 2.91
CA ARG B 94 -21.93 0.63 4.18
C ARG B 94 -22.12 1.60 5.34
N ARG B 95 -23.05 2.52 5.09
CA ARG B 95 -23.72 3.35 6.11
C ARG B 95 -23.15 4.74 6.44
N PRO B 96 -21.86 4.99 6.14
CA PRO B 96 -21.61 6.20 5.37
C PRO B 96 -21.63 5.80 3.89
N TYR B 97 -21.80 6.76 3.01
CA TYR B 97 -21.62 6.54 1.59
C TYR B 97 -20.26 7.08 1.22
N GLU B 98 -19.49 6.27 0.50
CA GLU B 98 -18.17 6.69 0.04
C GLU B 98 -17.87 6.17 -1.36
N ARG B 99 -17.33 7.04 -2.21
CA ARG B 99 -17.01 6.66 -3.58
C ARG B 99 -15.59 7.08 -3.92
N LEU B 100 -14.77 6.09 -4.26
CA LEU B 100 -13.43 6.38 -4.70
C LEU B 100 -13.29 5.92 -6.14
N GLU B 101 -13.00 6.87 -7.02
CA GLU B 101 -12.88 6.58 -8.46
C GLU B 101 -11.46 6.82 -9.00
N VAL B 102 -10.94 5.84 -9.73
CA VAL B 102 -9.72 6.03 -10.51
C VAL B 102 -10.15 6.14 -11.98
N GLU B 103 -10.11 7.35 -12.53
CA GLU B 103 -10.42 7.45 -13.96
C GLU B 103 -9.10 7.21 -14.69
N ILE B 104 -9.03 6.07 -15.35
CA ILE B 104 -7.81 5.66 -16.03
C ILE B 104 -7.60 6.47 -17.29
N ILE B 105 -6.44 7.12 -17.36
CA ILE B 105 -6.05 7.91 -18.53
C ILE B 105 -5.24 7.04 -19.47
N GLU B 106 -4.36 6.26 -18.88
CA GLU B 106 -3.33 5.56 -19.62
C GLU B 106 -2.88 4.41 -18.72
N PRO B 107 -3.38 3.19 -18.99
CA PRO B 107 -3.00 2.05 -18.16
C PRO B 107 -1.68 1.46 -18.62
N TYR B 108 -0.60 1.70 -17.87
CA TYR B 108 0.73 1.22 -18.26
C TYR B 108 0.84 -0.29 -18.14
N SER B 109 0.18 -0.84 -17.12
CA SER B 109 0.18 -2.27 -16.89
C SER B 109 -0.79 -2.66 -15.79
N LEU B 110 -1.27 -3.89 -15.88
CA LEU B 110 -2.10 -4.48 -14.84
C LEU B 110 -1.50 -5.83 -14.51
N VAL B 111 -1.44 -6.15 -13.21
CA VAL B 111 -0.92 -7.42 -12.73
C VAL B 111 -1.92 -8.09 -11.80
N VAL B 112 -2.30 -9.32 -12.12
CA VAL B 112 -3.07 -10.14 -11.20
C VAL B 112 -2.08 -11.02 -10.45
N PHE B 113 -2.24 -11.12 -9.14
CA PHE B 113 -1.35 -11.90 -8.31
C PHE B 113 -2.19 -12.84 -7.46
N LEU B 114 -2.21 -14.10 -7.87
CA LEU B 114 -3.01 -15.11 -7.20
C LEU B 114 -2.27 -15.59 -5.98
N ALA B 115 -2.45 -14.86 -4.89
CA ALA B 115 -1.68 -15.03 -3.69
C ALA B 115 -2.46 -15.77 -2.64
N GLU B 116 -1.80 -16.70 -1.97
CA GLU B 116 -2.40 -17.50 -0.90
C GLU B 116 -2.65 -16.67 0.35
N ASP B 117 -3.75 -16.97 1.05
CA ASP B 117 -3.98 -16.40 2.38
C ASP B 117 -2.73 -16.69 3.20
N TYR B 118 -2.38 -15.78 4.10
CA TYR B 118 -1.38 -16.11 5.09
C TYR B 118 -2.07 -16.50 6.40
N GLU B 119 -1.80 -17.73 6.85
CA GLU B 119 -2.29 -18.21 8.14
C GLU B 119 -1.17 -18.04 9.17
N GLU B 120 -1.51 -17.50 10.34
CA GLU B 120 -0.53 -16.98 11.33
C GLU B 120 0.59 -17.92 11.82
N SER B 126 6.18 -21.02 22.10
CA SER B 126 6.86 -19.83 21.62
C SER B 126 8.29 -19.79 22.14
N GLU B 127 9.07 -18.89 21.56
CA GLU B 127 10.45 -18.70 21.95
C GLU B 127 10.55 -17.96 23.27
N ALA B 128 9.51 -17.21 23.62
CA ALA B 128 9.37 -16.63 24.95
C ALA B 128 9.36 -17.73 26.02
N GLU B 129 8.63 -18.82 25.76
CA GLU B 129 8.62 -19.97 26.66
C GLU B 129 9.97 -20.67 26.79
N MSE B 130 10.74 -20.71 25.70
CA MSE B 130 12.10 -21.27 25.74
C MSE B 130 12.98 -20.41 26.62
O MSE B 130 13.76 -20.93 27.41
CB MSE B 130 12.70 -21.34 24.35
CG MSE B 130 12.07 -22.39 23.45
SE MSE B 130 12.71 -22.32 21.62
CE MSE B 130 14.45 -23.15 21.86
N ALA B 131 12.83 -19.09 26.49
CA ALA B 131 13.54 -18.15 27.32
C ALA B 131 13.21 -18.43 28.78
N ASN B 132 11.93 -18.60 29.08
CA ASN B 132 11.48 -18.91 30.46
C ASN B 132 12.21 -20.11 31.05
N LEU B 133 12.37 -21.12 30.22
CA LEU B 133 13.10 -22.32 30.58
C LEU B 133 14.56 -22.01 30.92
N ILE B 134 15.19 -21.19 30.08
CA ILE B 134 16.59 -20.81 30.26
C ILE B 134 16.84 -20.00 31.54
N PHE B 135 15.95 -19.06 31.83
CA PHE B 135 16.10 -18.24 33.03
C PHE B 135 15.85 -19.10 34.25
N GLU B 136 14.95 -20.07 34.11
CA GLU B 136 14.59 -20.96 35.20
C GLU B 136 15.72 -21.91 35.56
N ASN B 137 16.42 -22.38 34.54
CA ASN B 137 17.54 -23.29 34.71
C ASN B 137 18.58 -23.04 33.63
N PRO B 138 19.45 -22.03 33.84
CA PRO B 138 20.54 -21.66 32.93
C PRO B 138 21.42 -22.84 32.54
N ARG B 139 21.29 -23.91 33.30
CA ARG B 139 22.11 -25.10 33.13
C ARG B 139 21.82 -25.81 31.81
N VAL B 140 20.64 -25.60 31.23
CA VAL B 140 20.31 -26.17 29.93
C VAL B 140 21.18 -25.59 28.82
N ILE B 141 21.71 -24.40 29.09
CA ILE B 141 22.69 -23.79 28.23
C ILE B 141 24.05 -24.29 28.68
N GLU B 142 24.39 -23.96 29.93
CA GLU B 142 25.73 -24.16 30.45
C GLU B 142 25.75 -24.08 31.95
N GLU B 143 26.75 -24.73 32.53
CA GLU B 143 27.12 -24.57 33.92
C GLU B 143 27.57 -23.12 34.15
N GLY B 144 26.90 -22.42 35.05
CA GLY B 144 27.29 -21.07 35.44
C GLY B 144 27.07 -20.02 34.37
N PHE B 145 26.04 -20.22 33.55
CA PHE B 145 25.58 -19.19 32.62
C PHE B 145 24.53 -18.35 33.33
N LYS B 146 24.65 -17.03 33.25
CA LYS B 146 23.68 -16.13 33.85
C LYS B 146 22.91 -15.39 32.75
N PRO B 147 21.64 -15.76 32.53
CA PRO B 147 20.87 -14.97 31.58
C PRO B 147 20.42 -13.67 32.24
N ILE B 148 20.52 -12.55 31.53
CA ILE B 148 20.28 -11.24 32.11
C ILE B 148 19.16 -10.47 31.41
N TYR B 149 19.26 -10.35 30.08
CA TYR B 149 18.28 -9.58 29.32
C TYR B 149 17.46 -10.43 28.34
N ARG B 150 16.23 -9.98 28.10
CA ARG B 150 15.32 -10.52 27.09
C ARG B 150 15.01 -9.46 26.04
N GLU B 151 14.98 -9.85 24.77
CA GLU B 151 14.69 -8.89 23.70
C GLU B 151 15.52 -7.64 23.90
N LYS B 152 16.82 -7.83 24.05
CA LYS B 152 17.73 -6.75 24.38
C LYS B 152 18.14 -5.97 23.15
N PRO B 153 17.79 -4.68 23.10
CA PRO B 153 18.28 -3.85 22.01
C PRO B 153 19.81 -3.71 22.04
N ILE B 154 20.38 -3.89 20.86
CA ILE B 154 21.81 -3.88 20.60
C ILE B 154 22.07 -2.81 19.53
N ARG B 155 23.32 -2.47 19.27
CA ARG B 155 23.62 -1.43 18.26
C ARG B 155 22.98 -1.72 16.90
N HIS B 156 23.15 -2.95 16.42
CA HIS B 156 22.55 -3.36 15.13
C HIS B 156 21.56 -4.50 15.28
N GLY B 157 20.68 -4.43 16.27
CA GLY B 157 19.63 -5.42 16.36
C GLY B 157 19.12 -5.73 17.73
N ILE B 158 18.43 -6.86 17.83
CA ILE B 158 17.78 -7.26 19.07
C ILE B 158 18.11 -8.70 19.38
N VAL B 159 18.60 -8.93 20.59
CA VAL B 159 19.07 -10.24 20.99
C VAL B 159 17.98 -10.94 21.83
N ASP B 160 17.66 -12.18 21.49
CA ASP B 160 16.61 -12.94 22.19
C ASP B 160 16.86 -13.03 23.69
N VAL B 161 17.98 -13.64 24.07
CA VAL B 161 18.47 -13.66 25.45
C VAL B 161 19.94 -13.27 25.44
N MSE B 162 20.32 -12.38 26.36
CA MSE B 162 21.71 -11.99 26.50
C MSE B 162 22.13 -12.22 27.94
O MSE B 162 21.37 -11.96 28.87
CB MSE B 162 21.93 -10.54 26.11
CG MSE B 162 23.39 -10.13 26.19
SE MSE B 162 23.71 -8.41 25.33
CE MSE B 162 24.35 -7.37 26.86
N GLY B 163 23.34 -12.74 28.09
CA GLY B 163 23.84 -12.99 29.42
C GLY B 163 25.35 -12.96 29.52
N VAL B 164 25.85 -13.56 30.59
CA VAL B 164 27.26 -13.61 30.85
C VAL B 164 27.56 -15.04 31.29
N ASP B 165 28.68 -15.59 30.82
CA ASP B 165 29.05 -16.95 31.20
C ASP B 165 29.98 -17.00 32.42
N LYS B 166 30.39 -18.20 32.77
CA LYS B 166 31.35 -18.50 33.85
C LYS B 166 32.51 -17.50 33.92
N ASP B 167 33.15 -17.27 32.78
CA ASP B 167 34.36 -16.44 32.68
C ASP B 167 34.07 -14.94 32.50
N GLY B 168 32.81 -14.55 32.61
CA GLY B 168 32.41 -13.14 32.46
C GLY B 168 32.29 -12.67 31.01
N ASN B 169 32.40 -13.59 30.06
CA ASN B 169 32.15 -13.30 28.65
C ASN B 169 30.67 -13.04 28.39
N ILE B 170 30.39 -12.11 27.48
CA ILE B 170 29.02 -11.88 27.06
C ILE B 170 28.56 -13.02 26.16
N VAL B 171 27.39 -13.54 26.48
CA VAL B 171 26.80 -14.63 25.72
C VAL B 171 25.52 -14.14 25.09
N VAL B 172 25.47 -14.25 23.76
CA VAL B 172 24.28 -14.01 22.96
C VAL B 172 23.51 -15.34 22.71
N LEU B 173 22.23 -15.39 23.03
CA LEU B 173 21.40 -16.56 22.65
C LEU B 173 20.41 -16.19 21.56
N GLU B 174 20.39 -16.97 20.49
CA GLU B 174 19.37 -16.86 19.45
C GLU B 174 18.46 -18.09 19.58
N LEU B 175 17.19 -17.87 19.93
CA LEU B 175 16.24 -18.97 20.10
C LEU B 175 15.35 -19.12 18.89
N LYS B 176 15.39 -20.29 18.28
CA LYS B 176 14.42 -20.70 17.27
C LYS B 176 13.67 -21.93 17.80
N ARG B 177 12.43 -22.09 17.38
CA ARG B 177 11.61 -23.21 17.87
C ARG B 177 11.46 -24.33 16.84
N ARG B 178 11.92 -24.07 15.63
CA ARG B 178 11.96 -25.07 14.56
C ARG B 178 13.41 -25.40 14.23
N LYS B 179 13.64 -26.28 13.26
CA LYS B 179 14.98 -26.53 12.74
C LYS B 179 15.64 -25.19 12.42
N ALA B 180 16.82 -24.97 12.98
CA ALA B 180 17.56 -23.74 12.75
C ALA B 180 18.21 -23.75 11.38
N ASP B 181 17.97 -22.69 10.60
CA ASP B 181 18.53 -22.58 9.26
C ASP B 181 19.74 -21.65 9.17
N LEU B 182 20.26 -21.54 7.96
CA LEU B 182 21.36 -20.65 7.63
C LEU B 182 21.03 -19.22 8.06
N HIS B 183 19.78 -18.81 7.82
CA HIS B 183 19.34 -17.45 8.12
C HIS B 183 19.45 -17.14 9.61
N ALA B 184 19.04 -18.09 10.43
CA ALA B 184 19.15 -17.98 11.87
C ALA B 184 20.60 -17.75 12.27
N VAL B 185 21.53 -18.52 11.70
CA VAL B 185 22.94 -18.37 12.06
C VAL B 185 23.48 -16.98 11.68
N SER B 186 23.19 -16.55 10.46
CA SER B 186 23.57 -15.22 9.97
C SER B 186 23.00 -14.12 10.86
N GLN B 187 21.74 -14.28 11.24
CA GLN B 187 21.08 -13.34 12.13
C GLN B 187 21.92 -13.23 13.41
N MSE B 188 22.16 -14.36 14.08
CA MSE B 188 22.96 -14.40 15.31
C MSE B 188 24.36 -13.82 15.13
O MSE B 188 24.85 -13.06 15.99
CB MSE B 188 23.08 -15.82 15.86
CG MSE B 188 23.78 -15.83 17.17
SE MSE B 188 23.63 -17.54 18.07
CE MSE B 188 24.76 -18.61 16.87
N LYS B 189 25.00 -14.18 14.02
CA LYS B 189 26.30 -13.65 13.66
C LYS B 189 26.32 -12.12 13.68
N ARG B 190 25.31 -11.51 13.08
CA ARG B 190 25.22 -10.06 13.07
C ARG B 190 25.26 -9.52 14.50
N TYR B 191 24.47 -10.12 15.40
CA TYR B 191 24.41 -9.68 16.80
C TYR B 191 25.77 -9.84 17.45
N VAL B 192 26.37 -11.00 17.26
CA VAL B 192 27.68 -11.28 17.84
C VAL B 192 28.73 -10.27 17.36
N ASP B 193 28.82 -10.08 16.04
CA ASP B 193 29.76 -9.12 15.47
C ASP B 193 29.55 -7.71 16.00
N SER B 194 28.31 -7.25 16.00
CA SER B 194 27.95 -5.95 16.59
C SER B 194 28.52 -5.80 18.00
N LEU B 195 28.30 -6.81 18.84
CA LEU B 195 28.80 -6.81 20.20
C LEU B 195 30.32 -6.97 20.28
N LYS B 196 30.91 -7.69 19.33
CA LYS B 196 32.36 -7.84 19.27
C LYS B 196 33.06 -6.49 19.02
N GLU B 197 32.46 -5.68 18.15
CA GLU B 197 32.90 -4.30 17.92
C GLU B 197 32.71 -3.41 19.13
N GLU B 198 32.04 -3.94 20.14
CA GLU B 198 31.71 -3.15 21.31
C GLU B 198 32.48 -3.57 22.54
N TYR B 199 32.54 -4.88 22.81
CA TYR B 199 33.15 -5.38 24.05
C TYR B 199 34.42 -6.20 23.82
N GLY B 200 34.85 -6.28 22.56
CA GLY B 200 36.06 -7.02 22.22
C GLY B 200 35.72 -8.39 21.69
N GLU B 201 36.74 -9.23 21.57
CA GLU B 201 36.62 -10.53 20.91
C GLU B 201 35.94 -11.61 21.77
N ASN B 202 35.75 -11.31 23.05
CA ASN B 202 35.16 -12.30 23.96
C ASN B 202 33.66 -12.18 24.13
N VAL B 203 32.96 -12.53 23.05
CA VAL B 203 31.51 -12.59 23.00
C VAL B 203 31.20 -13.92 22.36
N ARG B 204 30.35 -14.71 23.01
CA ARG B 204 29.97 -15.99 22.43
C ARG B 204 28.55 -15.96 21.87
N GLY B 205 28.34 -16.69 20.79
CA GLY B 205 27.03 -16.83 20.18
C GLY B 205 26.56 -18.25 20.22
N ILE B 206 25.47 -18.49 20.96
CA ILE B 206 24.87 -19.82 21.04
C ILE B 206 23.46 -19.86 20.42
N LEU B 207 23.34 -20.66 19.37
CA LEU B 207 22.07 -20.87 18.71
C LEU B 207 21.28 -21.93 19.48
N VAL B 208 20.15 -21.55 20.06
CA VAL B 208 19.32 -22.48 20.81
C VAL B 208 18.07 -22.90 20.03
N ALA B 209 18.03 -24.17 19.61
CA ALA B 209 16.95 -24.71 18.81
C ALA B 209 16.78 -26.21 19.09
N PRO B 210 15.70 -26.83 18.58
CA PRO B 210 15.58 -28.29 18.74
C PRO B 210 16.48 -29.08 17.80
N SER B 211 16.92 -28.44 16.71
CA SER B 211 17.79 -29.05 15.71
C SER B 211 18.17 -27.99 14.69
N LEU B 212 19.10 -28.33 13.79
CA LEU B 212 19.55 -27.39 12.77
C LEU B 212 19.98 -28.07 11.45
N THR B 213 19.87 -27.33 10.35
CA THR B 213 20.32 -27.78 9.03
C THR B 213 21.81 -28.11 9.08
N GLU B 214 22.24 -28.93 8.13
CA GLU B 214 23.66 -29.20 7.91
C GLU B 214 24.39 -27.91 7.60
N GLY B 215 23.77 -27.06 6.77
CA GLY B 215 24.30 -25.75 6.43
C GLY B 215 24.47 -24.85 7.64
N ALA B 216 23.51 -24.92 8.55
CA ALA B 216 23.58 -24.21 9.82
C ALA B 216 24.77 -24.69 10.66
N LYS B 217 24.85 -25.99 10.90
CA LYS B 217 25.97 -26.61 11.63
C LYS B 217 27.31 -26.22 11.03
N LYS B 218 27.34 -26.15 9.70
CA LYS B 218 28.53 -25.78 8.94
C LYS B 218 28.96 -24.33 9.23
N LEU B 219 28.08 -23.38 8.95
CA LEU B 219 28.38 -21.96 9.11
C LEU B 219 28.71 -21.58 10.55
N LEU B 220 28.12 -22.30 11.51
CA LEU B 220 28.44 -22.15 12.92
C LEU B 220 29.90 -22.50 13.20
N GLU B 221 30.31 -23.71 12.79
CA GLU B 221 31.69 -24.18 12.96
C GLU B 221 32.65 -23.22 12.27
N LYS B 222 32.34 -22.94 11.01
CA LYS B 222 33.06 -21.98 10.19
C LYS B 222 33.20 -20.61 10.85
N GLU B 223 32.30 -20.29 11.78
CA GLU B 223 32.17 -18.92 12.30
C GLU B 223 32.52 -18.75 13.77
N GLY B 224 32.79 -19.86 14.45
CA GLY B 224 33.22 -19.83 15.86
C GLY B 224 32.03 -19.71 16.80
N LEU B 225 30.87 -20.13 16.31
CA LEU B 225 29.63 -20.02 17.07
C LEU B 225 29.12 -21.39 17.47
N GLU B 226 28.27 -21.42 18.48
CA GLU B 226 27.89 -22.67 19.14
C GLU B 226 26.42 -23.03 18.95
N PHE B 227 26.09 -24.26 19.27
CA PHE B 227 24.72 -24.73 19.25
C PHE B 227 24.36 -25.35 20.58
N ARG B 228 23.09 -25.29 20.93
CA ARG B 228 22.59 -25.97 22.10
C ARG B 228 21.22 -26.51 21.77
N LYS B 229 20.99 -27.77 22.12
CA LYS B 229 19.75 -28.44 21.81
C LYS B 229 18.71 -28.16 22.89
N LEU B 230 17.53 -27.70 22.48
CA LEU B 230 16.43 -27.46 23.39
C LEU B 230 15.07 -27.45 22.68
N GLU B 231 14.09 -28.11 23.30
CA GLU B 231 12.73 -28.24 22.75
C GLU B 231 11.76 -27.25 23.38
N PRO B 232 10.98 -26.53 22.55
CA PRO B 232 9.88 -25.74 23.13
C PRO B 232 8.87 -26.68 23.84
N PRO B 233 8.39 -26.30 25.05
CA PRO B 233 7.90 -27.12 26.17
C PRO B 233 7.85 -28.68 26.07
#